data_4OJT
#
_entry.id   4OJT
#
_cell.length_a   81.241
_cell.length_b   81.241
_cell.length_c   67.456
_cell.angle_alpha   90.00
_cell.angle_beta   90.00
_cell.angle_gamma   120.00
#
_symmetry.space_group_name_H-M   'P 32 2 1'
#
loop_
_entity.id
_entity.type
_entity.pdbx_description
1 polymer 'MTA/SAH nucleosidase'
2 non-polymer S-ribosylhomocysteine
3 non-polymer ADENINE
4 water water
#
_entity_poly.entity_id   1
_entity_poly.type   'polypeptide(L)'
_entity_poly.pdbx_seq_one_letter_code
;MGQKIGILGAMREEITPILELFGVDFEEIPLGGNVFHKGVYHNKEIIVAYSKIGKVHSTLTTTSMILAFGVQKVLFSGVA
GSLVKDLKINDLLVATQLVQHDVDLSAFDHPLGFIPESAIFIETSGSLNALAKKIANEQHIALKEGVIASGDQFVHSKER
KEFLVSEFKASAVEMEGASVAFVCQKFGVPCCVLRSISDNADEKAGMSFDEFLEKSAHTSAKFLKSMVDEL
;
_entity_poly.pdbx_strand_id   A
#
loop_
_chem_comp.id
_chem_comp.type
_chem_comp.name
_chem_comp.formula
2WP D-saccharide, alpha linking S-ribosylhomocysteine 'C9 H17 N O6 S'
ADE non-polymer ADENINE 'C5 H5 N5'
#
# COMPACT_ATOMS: atom_id res chain seq x y z
N MET A 1 21.10 15.08 8.30
CA MET A 1 19.75 14.79 7.81
C MET A 1 19.17 13.54 8.45
N GLY A 2 17.84 13.46 8.47
CA GLY A 2 17.17 12.27 8.96
C GLY A 2 17.22 11.18 7.91
N GLN A 3 16.32 10.21 8.05
CA GLN A 3 16.23 9.12 7.09
C GLN A 3 15.79 9.62 5.73
N LYS A 4 16.03 8.82 4.69
CA LYS A 4 15.44 9.09 3.40
C LYS A 4 14.20 8.21 3.28
N ILE A 5 13.10 8.81 2.88
CA ILE A 5 11.82 8.10 2.89
C ILE A 5 11.25 8.00 1.48
N GLY A 6 10.97 6.79 1.04
CA GLY A 6 10.24 6.59 -0.20
C GLY A 6 8.75 6.58 0.10
N ILE A 7 7.98 7.29 -0.72
CA ILE A 7 6.53 7.35 -0.55
C ILE A 7 5.90 6.95 -1.86
N LEU A 8 5.09 5.89 -1.83
CA LEU A 8 4.62 5.26 -3.05
C LEU A 8 3.10 5.17 -3.10
N GLY A 9 2.54 5.46 -4.27
CA GLY A 9 1.15 5.15 -4.56
C GLY A 9 1.14 4.34 -5.86
N ALA A 10 -0.02 3.84 -6.26
CA ALA A 10 -0.12 3.08 -7.52
C ALA A 10 -0.57 3.96 -8.68
N MET A 11 -1.49 4.88 -8.40
CA MET A 11 -2.09 5.71 -9.43
C MET A 11 -1.72 7.16 -9.18
N ARG A 12 -1.71 7.98 -10.23
CA ARG A 12 -1.40 9.40 -10.06
C ARG A 12 -2.34 10.03 -9.02
N GLU A 13 -3.61 9.64 -9.06
CA GLU A 13 -4.60 10.15 -8.13
C GLU A 13 -4.23 9.87 -6.67
N GLU A 14 -3.44 8.82 -6.43
CA GLU A 14 -3.05 8.50 -5.06
C GLU A 14 -1.88 9.33 -4.55
N ILE A 15 -1.07 9.88 -5.46
CA ILE A 15 0.06 10.72 -5.05
C ILE A 15 -0.17 12.23 -5.20
N THR A 16 -1.13 12.63 -6.03
CA THR A 16 -1.45 14.06 -6.14
C THR A 16 -1.67 14.71 -4.75
N PRO A 17 -2.53 14.11 -3.90
CA PRO A 17 -2.71 14.71 -2.57
C PRO A 17 -1.43 14.68 -1.71
N ILE A 18 -0.57 13.69 -1.92
CA ILE A 18 0.68 13.61 -1.20
C ILE A 18 1.59 14.80 -1.52
N LEU A 19 1.76 15.06 -2.82
CA LEU A 19 2.61 16.17 -3.26
C LEU A 19 2.07 17.50 -2.72
N GLU A 20 0.76 17.65 -2.79
CA GLU A 20 0.12 18.88 -2.31
C GLU A 20 0.23 19.06 -0.80
N LEU A 21 -0.05 18.01 -0.04
CA LEU A 21 0.00 18.08 1.42
C LEU A 21 1.40 18.37 1.98
N PHE A 22 2.43 17.77 1.40
CA PHE A 22 3.79 18.07 1.83
C PHE A 22 4.17 19.51 1.48
N GLY A 23 3.71 19.98 0.32
CA GLY A 23 3.80 21.39 -0.03
C GLY A 23 5.17 21.94 -0.37
N VAL A 24 6.19 21.08 -0.44
CA VAL A 24 7.55 21.53 -0.72
C VAL A 24 7.88 21.49 -2.21
N ASP A 25 9.06 21.99 -2.57
CA ASP A 25 9.52 21.92 -3.95
C ASP A 25 9.96 20.51 -4.29
N PHE A 26 9.48 20.00 -5.43
CA PHE A 26 9.91 18.69 -5.91
C PHE A 26 10.67 18.79 -7.21
N GLU A 27 11.78 18.05 -7.30
CA GLU A 27 12.49 17.85 -8.56
C GLU A 27 12.00 16.56 -9.19
N GLU A 28 11.59 16.64 -10.46
CA GLU A 28 11.11 15.46 -11.17
C GLU A 28 12.23 14.73 -11.88
N ILE A 29 12.38 13.44 -11.57
CA ILE A 29 13.47 12.62 -12.11
C ILE A 29 12.90 11.36 -12.74
N PRO A 30 13.05 11.22 -14.06
CA PRO A 30 12.53 10.03 -14.74
C PRO A 30 13.47 8.85 -14.64
N LEU A 31 12.91 7.66 -14.46
CA LEU A 31 13.69 6.43 -14.45
C LEU A 31 12.78 5.22 -14.60
N GLY A 32 13.09 4.36 -15.56
CA GLY A 32 12.34 3.11 -15.74
C GLY A 32 10.87 3.24 -16.00
N GLY A 33 10.46 4.33 -16.65
CA GLY A 33 9.05 4.55 -16.94
C GLY A 33 8.28 5.23 -15.83
N ASN A 34 8.97 5.54 -14.73
CA ASN A 34 8.36 6.27 -13.62
C ASN A 34 8.94 7.67 -13.51
N VAL A 35 8.18 8.56 -12.87
CA VAL A 35 8.67 9.88 -12.52
C VAL A 35 8.77 9.95 -11.00
N PHE A 36 9.98 10.19 -10.51
CA PHE A 36 10.23 10.33 -9.08
C PHE A 36 10.30 11.80 -8.68
N HIS A 37 9.56 12.17 -7.64
CA HIS A 37 9.50 13.55 -7.13
C HIS A 37 10.36 13.64 -5.89
N LYS A 38 11.47 14.37 -5.98
CA LYS A 38 12.47 14.43 -4.91
C LYS A 38 12.39 15.77 -4.20
N GLY A 39 12.26 15.73 -2.88
CA GLY A 39 12.11 16.94 -2.11
C GLY A 39 12.68 16.81 -0.71
N VAL A 40 12.67 17.92 0.03
CA VAL A 40 13.15 17.91 1.40
C VAL A 40 12.01 18.40 2.29
N TYR A 41 11.73 17.64 3.35
CA TYR A 41 10.65 17.97 4.28
C TYR A 41 11.08 17.64 5.69
N HIS A 42 11.02 18.63 6.58
CA HIS A 42 11.42 18.46 7.97
C HIS A 42 12.79 17.78 8.06
N ASN A 43 13.74 18.28 7.27
CA ASN A 43 15.10 17.76 7.24
C ASN A 43 15.20 16.29 6.85
N LYS A 44 14.21 15.83 6.08
CA LYS A 44 14.23 14.49 5.53
C LYS A 44 14.12 14.56 4.01
N GLU A 45 14.85 13.71 3.31
CA GLU A 45 14.65 13.63 1.87
C GLU A 45 13.48 12.69 1.60
N ILE A 46 12.52 13.16 0.84
CA ILE A 46 11.39 12.31 0.46
C ILE A 46 11.37 12.11 -1.05
N ILE A 47 11.12 10.86 -1.45
CA ILE A 47 11.04 10.49 -2.86
C ILE A 47 9.64 9.95 -3.09
N VAL A 48 8.85 10.65 -3.90
CA VAL A 48 7.45 10.29 -4.11
C VAL A 48 7.22 9.82 -5.54
N ALA A 49 6.50 8.70 -5.72
CA ALA A 49 6.16 8.26 -7.08
C ALA A 49 4.86 7.47 -7.08
N TYR A 50 4.19 7.43 -8.23
CA TYR A 50 3.18 6.40 -8.45
C TYR A 50 3.77 5.35 -9.39
N SER A 51 3.51 4.09 -9.07
CA SER A 51 4.14 2.98 -9.79
C SER A 51 3.47 2.63 -11.11
N LYS A 52 2.19 2.99 -11.22
CA LYS A 52 1.21 2.36 -12.12
C LYS A 52 0.67 1.05 -11.49
N ILE A 53 -0.45 0.57 -11.99
CA ILE A 53 -1.23 -0.46 -11.32
C ILE A 53 -0.63 -1.87 -11.44
N GLY A 54 -0.70 -2.62 -10.34
CA GLY A 54 -0.40 -4.03 -10.38
C GLY A 54 0.95 -4.45 -9.85
N LYS A 55 1.17 -5.76 -9.85
CA LYS A 55 2.35 -6.31 -9.17
C LYS A 55 3.67 -6.03 -9.90
N VAL A 56 3.69 -6.15 -11.23
CA VAL A 56 4.92 -5.89 -11.95
C VAL A 56 5.31 -4.43 -11.86
N HIS A 57 4.37 -3.53 -12.12
CA HIS A 57 4.65 -2.10 -12.01
C HIS A 57 5.20 -1.75 -10.63
N SER A 58 4.51 -2.19 -9.58
CA SER A 58 4.89 -1.79 -8.23
C SER A 58 6.19 -2.45 -7.77
N THR A 59 6.45 -3.68 -8.21
CA THR A 59 7.74 -4.31 -7.90
C THR A 59 8.88 -3.51 -8.49
N LEU A 60 8.74 -3.13 -9.76
CA LEU A 60 9.77 -2.38 -10.46
C LEU A 60 10.05 -1.07 -9.73
N THR A 61 9.00 -0.31 -9.47
CA THR A 61 9.17 1.01 -8.87
C THR A 61 9.79 0.95 -7.48
N THR A 62 9.38 -0.04 -6.69
CA THR A 62 9.92 -0.17 -5.34
C THR A 62 11.41 -0.52 -5.42
N THR A 63 11.76 -1.40 -6.35
CA THR A 63 13.17 -1.77 -6.54
C THR A 63 14.00 -0.55 -6.97
N SER A 64 13.46 0.25 -7.89
CA SER A 64 14.14 1.49 -8.29
C SER A 64 14.32 2.44 -7.12
N MET A 65 13.28 2.60 -6.30
CA MET A 65 13.38 3.49 -5.14
C MET A 65 14.54 3.10 -4.26
N ILE A 66 14.68 1.80 -4.06
CA ILE A 66 15.71 1.28 -3.17
C ILE A 66 17.08 1.33 -3.82
N LEU A 67 17.21 0.77 -5.03
CA LEU A 67 18.53 0.68 -5.65
C LEU A 67 19.04 2.00 -6.21
N ALA A 68 18.16 2.80 -6.78
CA ALA A 68 18.60 4.03 -7.43
C ALA A 68 18.56 5.26 -6.53
N PHE A 69 17.62 5.29 -5.59
CA PHE A 69 17.46 6.47 -4.74
C PHE A 69 17.90 6.24 -3.29
N GLY A 70 18.15 4.99 -2.93
CA GLY A 70 18.67 4.66 -1.61
C GLY A 70 17.73 4.99 -0.46
N VAL A 71 16.43 4.82 -0.67
CA VAL A 71 15.48 5.09 0.41
C VAL A 71 15.70 4.13 1.57
N GLN A 72 15.45 4.61 2.79
CA GLN A 72 15.71 3.83 3.99
C GLN A 72 14.44 3.24 4.58
N LYS A 73 13.30 3.71 4.09
CA LYS A 73 12.01 3.16 4.47
C LYS A 73 11.03 3.46 3.35
N VAL A 74 9.98 2.65 3.24
CA VAL A 74 8.97 2.87 2.21
C VAL A 74 7.60 2.92 2.85
N LEU A 75 6.86 3.98 2.56
CA LEU A 75 5.50 4.11 3.03
C LEU A 75 4.59 4.11 1.81
N PHE A 76 3.61 3.20 1.78
CA PHE A 76 2.69 3.14 0.67
C PHE A 76 1.34 3.74 1.08
N SER A 77 0.74 4.51 0.18
CA SER A 77 -0.59 5.08 0.40
C SER A 77 -1.46 4.89 -0.82
N GLY A 78 -2.70 4.44 -0.61
CA GLY A 78 -3.66 4.35 -1.70
C GLY A 78 -4.99 3.82 -1.23
N VAL A 79 -5.79 3.35 -2.17
CA VAL A 79 -7.14 2.88 -1.85
C VAL A 79 -7.28 1.35 -1.97
N ALA A 80 -8.32 0.79 -1.37
CA ALA A 80 -8.51 -0.64 -1.39
C ALA A 80 -9.97 -1.03 -1.28
N GLY A 81 -10.27 -2.29 -1.59
CA GLY A 81 -11.60 -2.82 -1.44
C GLY A 81 -11.76 -3.53 -0.11
N SER A 82 -12.88 -3.30 0.56
CA SER A 82 -13.15 -3.93 1.84
C SER A 82 -13.69 -5.35 1.74
N LEU A 83 -13.17 -6.22 2.61
CA LEU A 83 -13.60 -7.60 2.68
C LEU A 83 -14.29 -7.92 4.02
N VAL A 84 -14.31 -6.95 4.92
CA VAL A 84 -14.91 -7.16 6.24
C VAL A 84 -15.89 -6.03 6.60
N LYS A 85 -16.99 -6.39 7.26
CA LYS A 85 -18.04 -5.44 7.57
C LYS A 85 -17.58 -4.19 8.32
N ASP A 86 -16.59 -4.35 9.20
CA ASP A 86 -16.14 -3.23 10.03
C ASP A 86 -15.20 -2.26 9.33
N LEU A 87 -14.84 -2.56 8.08
CA LEU A 87 -14.12 -1.61 7.25
C LEU A 87 -15.08 -0.97 6.26
N LYS A 88 -15.45 0.27 6.53
CA LYS A 88 -16.42 0.98 5.70
C LYS A 88 -15.69 1.92 4.76
N ILE A 89 -16.41 2.44 3.77
CA ILE A 89 -15.87 3.47 2.89
C ILE A 89 -15.17 4.57 3.67
N ASN A 90 -13.94 4.88 3.27
CA ASN A 90 -13.07 5.89 3.88
C ASN A 90 -12.23 5.42 5.06
N ASP A 91 -12.60 4.27 5.64
CA ASP A 91 -11.85 3.72 6.76
C ASP A 91 -10.43 3.33 6.37
N LEU A 92 -9.53 3.44 7.33
CA LEU A 92 -8.13 3.16 7.12
C LEU A 92 -7.72 1.83 7.72
N LEU A 93 -6.76 1.17 7.07
CA LEU A 93 -6.07 0.07 7.71
C LEU A 93 -4.60 0.06 7.34
N VAL A 94 -3.79 -0.53 8.22
CA VAL A 94 -2.40 -0.83 7.89
C VAL A 94 -2.32 -2.34 7.78
N ALA A 95 -1.50 -2.80 6.83
CA ALA A 95 -1.33 -4.23 6.62
C ALA A 95 -0.27 -4.82 7.55
N THR A 96 -0.70 -5.70 8.44
CA THR A 96 0.25 -6.40 9.30
C THR A 96 1.00 -7.47 8.50
N GLN A 97 0.27 -8.13 7.60
CA GLN A 97 0.83 -9.11 6.69
C GLN A 97 0.15 -8.97 5.35
N LEU A 98 0.85 -9.35 4.29
CA LEU A 98 0.25 -9.35 2.96
C LEU A 98 0.47 -10.66 2.25
N VAL A 99 -0.41 -10.97 1.30
CA VAL A 99 -0.32 -12.20 0.50
C VAL A 99 -0.62 -11.88 -0.96
N GLN A 100 0.00 -12.63 -1.87
CA GLN A 100 -0.35 -12.55 -3.28
C GLN A 100 -1.44 -13.58 -3.52
N HIS A 101 -2.67 -13.12 -3.56
CA HIS A 101 -3.82 -14.01 -3.53
C HIS A 101 -4.07 -14.78 -4.81
N ASP A 102 -3.44 -14.35 -5.90
CA ASP A 102 -3.63 -14.98 -7.20
C ASP A 102 -2.53 -15.98 -7.59
N VAL A 103 -1.59 -16.22 -6.68
CA VAL A 103 -0.51 -17.18 -6.91
C VAL A 103 -1.06 -18.59 -6.72
N ASP A 104 -0.85 -19.45 -7.73
CA ASP A 104 -1.43 -20.80 -7.69
C ASP A 104 -0.48 -21.81 -8.29
N LEU A 105 0.25 -22.52 -7.42
CA LEU A 105 1.08 -23.66 -7.82
C LEU A 105 0.49 -24.94 -7.25
N SER A 106 -0.84 -25.00 -7.17
CA SER A 106 -1.51 -26.16 -6.60
C SER A 106 -1.28 -27.43 -7.41
N ALA A 107 -0.90 -27.29 -8.68
CA ALA A 107 -0.58 -28.47 -9.51
C ALA A 107 0.54 -29.31 -8.89
N PHE A 108 1.39 -28.66 -8.12
CA PHE A 108 2.50 -29.33 -7.42
C PHE A 108 2.23 -29.47 -5.93
N ASP A 109 0.95 -29.38 -5.57
CA ASP A 109 0.49 -29.53 -4.19
C ASP A 109 0.95 -28.45 -3.23
N HIS A 110 1.29 -27.27 -3.76
CA HIS A 110 1.61 -26.15 -2.88
C HIS A 110 0.34 -25.45 -2.40
N PRO A 111 0.35 -24.98 -1.15
CA PRO A 111 -0.75 -24.11 -0.70
C PRO A 111 -0.92 -22.92 -1.63
N LEU A 112 -2.15 -22.47 -1.84
CA LEU A 112 -2.37 -21.25 -2.61
C LEU A 112 -1.65 -20.07 -1.97
N GLY A 113 -1.06 -19.22 -2.81
CA GLY A 113 -0.30 -18.08 -2.34
C GLY A 113 1.17 -18.36 -2.12
N PHE A 114 1.55 -19.64 -2.08
CA PHE A 114 2.93 -20.03 -1.83
C PHE A 114 3.75 -20.21 -3.11
N ILE A 115 4.97 -19.66 -3.08
CA ILE A 115 5.96 -19.92 -4.12
C ILE A 115 7.21 -20.50 -3.46
N PRO A 116 7.78 -21.59 -4.02
CA PRO A 116 9.03 -22.16 -3.49
C PRO A 116 10.09 -21.11 -3.26
N GLU A 117 10.82 -21.23 -2.16
CA GLU A 117 11.86 -20.29 -1.75
C GLU A 117 11.31 -18.93 -1.32
N SER A 118 10.01 -18.91 -1.02
CA SER A 118 9.37 -17.73 -0.47
C SER A 118 8.42 -18.12 0.65
N ALA A 119 7.36 -17.34 0.84
CA ALA A 119 6.41 -17.58 1.93
C ALA A 119 5.05 -17.04 1.52
N ILE A 120 3.98 -17.59 2.09
CA ILE A 120 2.64 -17.09 1.79
C ILE A 120 2.46 -15.64 2.26
N PHE A 121 2.85 -15.36 3.51
CA PHE A 121 2.65 -14.03 4.07
C PHE A 121 3.94 -13.25 4.17
N ILE A 122 3.84 -11.98 3.81
CA ILE A 122 4.95 -11.05 3.86
C ILE A 122 4.71 -10.10 5.03
N GLU A 123 5.74 -9.84 5.82
CA GLU A 123 5.65 -9.00 7.00
C GLU A 123 5.98 -7.54 6.68
N THR A 124 5.40 -6.64 7.46
CA THR A 124 5.72 -5.21 7.39
C THR A 124 6.33 -4.78 8.72
N SER A 125 6.64 -3.50 8.84
CA SER A 125 7.34 -2.99 10.02
C SER A 125 6.44 -2.88 11.23
N GLY A 126 6.75 -3.63 12.28
CA GLY A 126 6.03 -3.53 13.53
C GLY A 126 6.12 -2.13 14.12
N SER A 127 7.29 -1.51 13.96
CA SER A 127 7.49 -0.16 14.47
C SER A 127 6.61 0.86 13.76
N LEU A 128 6.58 0.82 12.42
CA LEU A 128 5.76 1.78 11.67
C LEU A 128 4.28 1.52 11.89
N ASN A 129 3.87 0.26 11.97
CA ASN A 129 2.48 -0.07 12.21
C ASN A 129 2.01 0.39 13.59
N ALA A 130 2.89 0.23 14.58
CA ALA A 130 2.59 0.69 15.93
C ALA A 130 2.47 2.20 15.98
N LEU A 131 3.34 2.88 15.22
CA LEU A 131 3.27 4.33 15.11
C LEU A 131 1.95 4.76 14.51
N ALA A 132 1.54 4.11 13.43
CA ALA A 132 0.24 4.40 12.82
C ALA A 132 -0.91 4.22 13.81
N LYS A 133 -0.90 3.14 14.57
CA LYS A 133 -1.96 2.92 15.54
C LYS A 133 -1.98 4.00 16.62
N LYS A 134 -0.81 4.44 17.06
CA LYS A 134 -0.74 5.49 18.09
C LYS A 134 -1.28 6.80 17.58
N ILE A 135 -0.94 7.15 16.34
CA ILE A 135 -1.43 8.38 15.73
C ILE A 135 -2.94 8.34 15.54
N ALA A 136 -3.45 7.19 15.10
CA ALA A 136 -4.88 7.02 14.91
C ALA A 136 -5.63 7.17 16.23
N ASN A 137 -5.13 6.54 17.28
CA ASN A 137 -5.73 6.69 18.61
C ASN A 137 -5.76 8.15 19.06
N GLU A 138 -4.66 8.87 18.83
CA GLU A 138 -4.60 10.28 19.22
C GLU A 138 -5.58 11.13 18.44
N GLN A 139 -5.69 10.86 17.14
CA GLN A 139 -6.58 11.60 16.26
C GLN A 139 -8.04 11.13 16.40
N HIS A 140 -8.28 10.15 17.29
CA HIS A 140 -9.60 9.58 17.48
C HIS A 140 -10.22 8.95 16.22
N ILE A 141 -9.38 8.40 15.37
CA ILE A 141 -9.89 7.64 14.23
C ILE A 141 -9.64 6.15 14.38
N ALA A 142 -10.53 5.35 13.81
CA ALA A 142 -10.35 3.90 13.80
C ALA A 142 -9.18 3.57 12.87
N LEU A 143 -8.47 2.50 13.19
CA LEU A 143 -7.45 1.99 12.29
C LEU A 143 -7.34 0.49 12.47
N LYS A 144 -7.75 -0.25 11.45
CA LYS A 144 -7.70 -1.69 11.47
C LYS A 144 -6.26 -2.12 11.19
N GLU A 145 -5.83 -3.19 11.83
CA GLU A 145 -4.52 -3.79 11.56
C GLU A 145 -4.78 -5.22 11.13
N GLY A 146 -4.60 -5.51 9.84
CA GLY A 146 -4.98 -6.81 9.34
C GLY A 146 -4.24 -7.27 8.12
N VAL A 147 -4.74 -8.34 7.51
CA VAL A 147 -4.12 -8.94 6.33
C VAL A 147 -4.65 -8.27 5.07
N ILE A 148 -3.75 -7.88 4.17
CA ILE A 148 -4.16 -7.40 2.87
C ILE A 148 -3.82 -8.43 1.80
N ALA A 149 -4.81 -8.75 0.97
CA ALA A 149 -4.59 -9.62 -0.18
C ALA A 149 -4.36 -8.78 -1.44
N SER A 150 -3.28 -9.07 -2.16
CA SER A 150 -2.96 -8.34 -3.39
C SER A 150 -2.93 -9.27 -4.60
N GLY A 151 -3.48 -8.81 -5.73
CA GLY A 151 -3.45 -9.60 -6.96
C GLY A 151 -3.60 -8.68 -8.16
N ASP A 152 -3.44 -9.26 -9.35
CA ASP A 152 -3.53 -8.49 -10.61
C ASP A 152 -4.93 -8.47 -11.21
N GLN A 153 -5.94 -8.56 -10.35
CA GLN A 153 -7.32 -8.42 -10.78
C GLN A 153 -8.02 -7.43 -9.87
N PHE A 154 -8.89 -6.61 -10.46
CA PHE A 154 -9.76 -5.78 -9.66
C PHE A 154 -10.91 -6.67 -9.25
N VAL A 155 -11.07 -6.86 -7.94
CA VAL A 155 -12.04 -7.82 -7.42
C VAL A 155 -13.42 -7.18 -7.31
N HIS A 156 -14.42 -7.86 -7.89
CA HIS A 156 -15.76 -7.30 -7.95
C HIS A 156 -16.84 -8.40 -7.98
N SER A 157 -16.69 -9.37 -7.09
CA SER A 157 -17.66 -10.46 -6.98
C SER A 157 -17.70 -11.05 -5.58
N LYS A 158 -18.85 -11.58 -5.19
CA LYS A 158 -18.99 -12.17 -3.87
C LYS A 158 -18.17 -13.45 -3.76
N GLU A 159 -18.11 -14.19 -4.86
CA GLU A 159 -17.34 -15.44 -4.91
C GLU A 159 -15.87 -15.22 -4.58
N ARG A 160 -15.25 -14.25 -5.25
CA ARG A 160 -13.83 -13.99 -5.00
C ARG A 160 -13.61 -13.41 -3.60
N LYS A 161 -14.53 -12.55 -3.14
CA LYS A 161 -14.47 -12.05 -1.76
C LYS A 161 -14.45 -13.19 -0.75
N GLU A 162 -15.36 -14.15 -0.92
CA GLU A 162 -15.48 -15.28 -0.01
C GLU A 162 -14.20 -16.11 0.00
N PHE A 163 -13.57 -16.23 -1.16
CA PHE A 163 -12.30 -16.95 -1.26
C PHE A 163 -11.19 -16.25 -0.48
N LEU A 164 -11.08 -14.94 -0.62
CA LEU A 164 -10.02 -14.20 0.04
C LEU A 164 -10.15 -14.27 1.55
N VAL A 165 -11.39 -14.21 2.03
CA VAL A 165 -11.67 -14.31 3.45
C VAL A 165 -11.43 -15.71 3.98
N SER A 166 -11.94 -16.72 3.26
CA SER A 166 -11.78 -18.10 3.69
C SER A 166 -10.34 -18.60 3.62
N GLU A 167 -9.65 -18.29 2.52
CA GLU A 167 -8.31 -18.83 2.30
C GLU A 167 -7.24 -18.08 3.09
N PHE A 168 -7.38 -16.75 3.18
CA PHE A 168 -6.30 -15.93 3.73
C PHE A 168 -6.69 -15.08 4.94
N LYS A 169 -7.97 -15.07 5.29
CA LYS A 169 -8.48 -14.21 6.37
C LYS A 169 -8.12 -12.74 6.11
N ALA A 170 -8.21 -12.35 4.84
CA ALA A 170 -7.86 -10.99 4.43
C ALA A 170 -8.95 -9.99 4.85
N SER A 171 -8.55 -8.76 5.16
CA SER A 171 -9.49 -7.69 5.55
C SER A 171 -9.75 -6.73 4.39
N ALA A 172 -8.79 -6.63 3.48
CA ALA A 172 -8.93 -5.77 2.32
C ALA A 172 -8.18 -6.35 1.12
N VAL A 173 -8.55 -5.89 -0.08
CA VAL A 173 -7.96 -6.38 -1.34
C VAL A 173 -7.48 -5.19 -2.18
N GLU A 174 -6.32 -5.33 -2.79
CA GLU A 174 -5.79 -4.31 -3.68
C GLU A 174 -4.79 -4.97 -4.62
N MET A 175 -3.97 -4.17 -5.31
CA MET A 175 -3.19 -4.71 -6.42
C MET A 175 -1.68 -4.45 -6.35
N GLU A 176 -1.20 -3.89 -5.25
CA GLU A 176 0.24 -3.59 -5.12
C GLU A 176 0.89 -3.85 -3.77
N GLY A 177 0.10 -3.93 -2.70
CA GLY A 177 0.70 -3.98 -1.38
C GLY A 177 1.68 -5.13 -1.16
N ALA A 178 1.29 -6.34 -1.55
CA ALA A 178 2.12 -7.50 -1.31
C ALA A 178 3.45 -7.37 -2.04
N SER A 179 3.42 -6.88 -3.28
CA SER A 179 4.65 -6.76 -4.05
C SER A 179 5.59 -5.66 -3.52
N VAL A 180 5.03 -4.52 -3.10
CA VAL A 180 5.84 -3.48 -2.48
C VAL A 180 6.49 -4.02 -1.21
N ALA A 181 5.70 -4.64 -0.35
CA ALA A 181 6.19 -5.18 0.91
C ALA A 181 7.22 -6.29 0.67
N PHE A 182 7.01 -7.09 -0.36
CA PHE A 182 7.94 -8.16 -0.70
C PHE A 182 9.32 -7.62 -1.06
N VAL A 183 9.36 -6.65 -1.98
CA VAL A 183 10.62 -6.03 -2.37
C VAL A 183 11.35 -5.44 -1.16
N CYS A 184 10.61 -4.74 -0.30
CA CYS A 184 11.22 -4.12 0.87
C CYS A 184 11.84 -5.19 1.78
N GLN A 185 11.14 -6.28 1.99
CA GLN A 185 11.69 -7.37 2.80
C GLN A 185 13.00 -7.91 2.23
N LYS A 186 13.04 -8.10 0.92
CA LYS A 186 14.22 -8.68 0.30
C LYS A 186 15.45 -7.78 0.43
N PHE A 187 15.23 -6.48 0.55
CA PHE A 187 16.33 -5.53 0.69
C PHE A 187 16.54 -5.03 2.11
N GLY A 188 15.78 -5.57 3.06
CA GLY A 188 15.88 -5.16 4.46
C GLY A 188 15.44 -3.73 4.73
N VAL A 189 14.45 -3.27 3.97
CA VAL A 189 13.96 -1.91 4.11
C VAL A 189 12.60 -1.91 4.80
N PRO A 190 12.48 -1.16 5.92
CA PRO A 190 11.19 -1.11 6.62
C PRO A 190 10.07 -0.60 5.72
N CYS A 191 8.91 -1.23 5.85
CA CYS A 191 7.78 -0.92 4.99
C CYS A 191 6.48 -0.80 5.79
N CYS A 192 5.65 0.17 5.42
CA CYS A 192 4.30 0.25 5.94
C CYS A 192 3.35 0.43 4.76
N VAL A 193 2.31 -0.38 4.71
CA VAL A 193 1.29 -0.29 3.66
C VAL A 193 -0.02 0.21 4.26
N LEU A 194 -0.40 1.42 3.85
CA LEU A 194 -1.61 2.09 4.33
C LEU A 194 -2.64 2.15 3.21
N ARG A 195 -3.90 1.85 3.51
CA ARG A 195 -4.98 1.94 2.52
C ARG A 195 -6.25 2.53 3.13
N SER A 196 -7.00 3.28 2.32
CA SER A 196 -8.33 3.76 2.69
C SER A 196 -9.34 3.08 1.78
N ILE A 197 -10.43 2.58 2.36
CA ILE A 197 -11.43 1.84 1.60
C ILE A 197 -12.17 2.71 0.59
N SER A 198 -12.28 2.23 -0.66
CA SER A 198 -12.99 2.95 -1.71
C SER A 198 -14.23 2.21 -2.19
N ASP A 199 -14.35 0.95 -1.82
CA ASP A 199 -15.43 0.09 -2.32
C ASP A 199 -15.46 -1.21 -1.55
N ASN A 200 -16.45 -2.05 -1.84
CA ASN A 200 -16.61 -3.31 -1.11
C ASN A 200 -16.28 -4.55 -1.93
N ALA A 201 -15.55 -4.34 -3.04
CA ALA A 201 -15.01 -5.45 -3.84
C ALA A 201 -16.10 -6.41 -4.33
N ASP A 202 -17.30 -5.86 -4.48
CA ASP A 202 -18.43 -6.66 -4.92
C ASP A 202 -18.88 -6.22 -6.31
N GLU A 203 -20.08 -6.65 -6.70
CA GLU A 203 -20.58 -6.37 -8.04
C GLU A 203 -20.63 -4.87 -8.37
N LYS A 204 -20.83 -4.03 -7.35
CA LYS A 204 -20.90 -2.58 -7.55
C LYS A 204 -19.58 -1.85 -7.30
N ALA A 205 -18.48 -2.59 -7.18
CA ALA A 205 -17.20 -2.00 -6.77
C ALA A 205 -16.64 -0.97 -7.75
N GLY A 206 -16.88 -1.18 -9.04
CA GLY A 206 -16.39 -0.26 -10.06
C GLY A 206 -16.95 1.15 -9.86
N MET A 207 -18.26 1.23 -9.73
CA MET A 207 -18.91 2.53 -9.53
C MET A 207 -18.53 3.17 -8.20
N SER A 208 -18.46 2.38 -7.14
CA SER A 208 -18.02 2.89 -5.84
C SER A 208 -16.59 3.44 -5.92
N PHE A 209 -15.72 2.68 -6.57
CA PHE A 209 -14.33 3.12 -6.77
C PHE A 209 -14.28 4.52 -7.41
N ASP A 210 -15.06 4.71 -8.46
CA ASP A 210 -15.04 5.98 -9.17
C ASP A 210 -15.57 7.10 -8.30
N GLU A 211 -16.61 6.82 -7.53
CA GLU A 211 -17.19 7.84 -6.65
C GLU A 211 -16.22 8.27 -5.54
N PHE A 212 -15.50 7.31 -4.96
CA PHE A 212 -14.73 7.59 -3.76
C PHE A 212 -13.21 7.65 -3.89
N LEU A 213 -12.69 7.45 -5.10
CA LEU A 213 -11.24 7.47 -5.31
C LEU A 213 -10.59 8.73 -4.76
N GLU A 214 -11.14 9.89 -5.10
CA GLU A 214 -10.52 11.14 -4.68
C GLU A 214 -10.50 11.30 -3.16
N LYS A 215 -11.63 11.06 -2.51
CA LYS A 215 -11.70 11.26 -1.06
C LYS A 215 -10.85 10.23 -0.34
N SER A 216 -10.99 8.97 -0.71
CA SER A 216 -10.23 7.90 -0.04
C SER A 216 -8.73 8.07 -0.25
N ALA A 217 -8.32 8.46 -1.46
CA ALA A 217 -6.90 8.71 -1.71
C ALA A 217 -6.38 9.83 -0.81
N HIS A 218 -7.19 10.87 -0.62
CA HIS A 218 -6.82 11.98 0.24
C HIS A 218 -6.74 11.55 1.71
N THR A 219 -7.70 10.75 2.15
CA THR A 219 -7.70 10.24 3.52
C THR A 219 -6.42 9.46 3.84
N SER A 220 -6.03 8.57 2.94
CA SER A 220 -4.80 7.82 3.13
C SER A 220 -3.58 8.75 3.10
N ALA A 221 -3.55 9.67 2.14
CA ALA A 221 -2.42 10.59 2.00
C ALA A 221 -2.22 11.47 3.24
N LYS A 222 -3.33 11.98 3.77
CA LYS A 222 -3.28 12.83 4.95
C LYS A 222 -2.74 12.05 6.14
N PHE A 223 -3.16 10.79 6.26
CA PHE A 223 -2.67 9.97 7.35
C PHE A 223 -1.19 9.65 7.18
N LEU A 224 -0.77 9.32 5.95
CA LEU A 224 0.65 9.08 5.69
C LEU A 224 1.49 10.29 6.09
N LYS A 225 1.03 11.49 5.75
CA LYS A 225 1.76 12.69 6.13
C LYS A 225 1.86 12.81 7.64
N SER A 226 0.78 12.44 8.35
CA SER A 226 0.80 12.46 9.81
C SER A 226 1.89 11.55 10.36
N MET A 227 2.13 10.44 9.70
CA MET A 227 3.19 9.53 10.14
C MET A 227 4.57 10.14 9.92
N VAL A 228 4.79 10.73 8.76
CA VAL A 228 6.07 11.33 8.44
C VAL A 228 6.41 12.48 9.39
N ASP A 229 5.38 13.18 9.85
CA ASP A 229 5.53 14.27 10.82
C ASP A 229 6.03 13.75 12.17
N GLU A 230 5.94 12.44 12.37
CA GLU A 230 6.37 11.80 13.61
C GLU A 230 7.69 11.05 13.43
N LEU A 231 8.22 11.06 12.21
CA LEU A 231 9.45 10.33 11.88
C LEU A 231 10.67 11.23 11.87
C1 2WP B . -5.85 0.58 -5.91
O1 2WP B . -4.65 1.39 -5.74
C2 2WP B . -5.46 -0.85 -6.42
O2 2WP B . -4.36 -1.37 -5.77
C3 2WP B . -5.15 -0.51 -7.89
O3 2WP B . -4.02 0.28 -8.04
C4 2WP B . -6.35 0.44 -8.23
O4 2WP B . -6.65 1.08 -6.97
C5 2WP B . -7.56 -0.37 -8.72
N 2WP B . -10.31 2.66 -12.47
CA 2WP B . -8.91 2.58 -12.90
CB 2WP B . -8.35 1.19 -12.49
CG 2WP B . -8.27 1.07 -10.98
SD 2WP B . -7.56 -0.57 -10.55
C 2WP B . -8.79 2.74 -14.46
O 2WP B . -9.76 2.29 -15.10
OXT 2WP B . -7.77 3.29 -14.92
N9 ADE C . -8.37 -1.24 -5.09
C8 ADE C . -9.52 -0.68 -4.62
N7 ADE C . -10.55 -1.49 -4.68
C5 ADE C . -10.05 -2.65 -5.22
C6 ADE C . -10.66 -3.87 -5.54
N6 ADE C . -11.96 -4.11 -5.32
N1 ADE C . -9.89 -4.84 -6.07
C2 ADE C . -8.59 -4.59 -6.27
N3 ADE C . -7.90 -3.48 -6.02
C4 ADE C . -8.70 -2.52 -5.49
#